data_4FQT
#
_entry.id   4FQT
#
_cell.length_a   32.769
_cell.length_b   68.993
_cell.length_c   64.552
_cell.angle_alpha   90.00
_cell.angle_beta   104.71
_cell.angle_gamma   90.00
#
_symmetry.space_group_name_H-M   'P 1 21 1'
#
loop_
_entity.id
_entity.type
_entity.pdbx_description
1 polymer 'Anopheles Gambiae Odorant Binding protein 1'
2 non-polymer 6-methylhept-5-en-2-one
3 non-polymer 'TETRAETHYLENE GLYCOL'
4 water water
#
_entity_poly.entity_id   1
_entity_poly.type   'polypeptide(L)'
_entity_poly.pdbx_seq_one_letter_code
;DTTPRRDAEYPPPELLEALKPLHDICLGKTGVTEEAIKKFSDEEIHEDEKLKCYMNCLFHEAKVVDDNGDVHLEKLHDSL
PSSMHDIAMHMGKRCLYPEGETLCDKAFWLHKCWKQSDPKHYFLV
;
_entity_poly.pdbx_strand_id   A,B
#
loop_
_chem_comp.id
_chem_comp.type
_chem_comp.name
_chem_comp.formula
0VT non-polymer 6-methylhept-5-en-2-one 'C8 H14 O'
PG4 non-polymer 'TETRAETHYLENE GLYCOL' 'C8 H18 O5'
#
# COMPACT_ATOMS: atom_id res chain seq x y z
N ASP A 1 -12.95 -19.06 5.85
CA ASP A 1 -12.30 -20.21 5.23
C ASP A 1 -10.82 -19.88 5.02
N THR A 2 -10.03 -20.58 5.80
CA THR A 2 -8.59 -20.39 5.96
C THR A 2 -7.80 -21.55 5.37
N THR A 3 -8.48 -22.54 4.80
CA THR A 3 -7.75 -23.65 4.20
C THR A 3 -7.15 -23.19 2.87
N PRO A 4 -5.85 -23.46 2.67
CA PRO A 4 -5.09 -23.14 1.46
C PRO A 4 -5.67 -23.63 0.14
N ARG A 5 -5.86 -22.73 -0.82
CA ARG A 5 -6.30 -23.12 -2.14
C ARG A 5 -5.15 -23.59 -3.01
N ARG A 6 -5.18 -24.85 -3.44
CA ARG A 6 -4.12 -25.43 -4.27
C ARG A 6 -4.74 -26.30 -5.36
N ASP A 7 -4.82 -25.79 -6.59
CA ASP A 7 -5.41 -26.54 -7.69
C ASP A 7 -4.75 -26.16 -9.01
N ALA A 8 -5.29 -26.69 -10.10
CA ALA A 8 -4.69 -26.46 -11.41
C ALA A 8 -4.69 -24.98 -11.82
N GLU A 9 -5.55 -24.16 -11.20
CA GLU A 9 -5.63 -22.75 -11.58
C GLU A 9 -4.90 -21.83 -10.60
N TYR A 10 -4.91 -22.18 -9.32
CA TYR A 10 -4.30 -21.36 -8.28
C TYR A 10 -3.46 -22.23 -7.34
N PRO A 11 -2.21 -21.83 -7.04
CA PRO A 11 -1.49 -20.63 -7.53
C PRO A 11 -1.34 -20.67 -9.03
N PRO A 12 -1.26 -19.48 -9.67
CA PRO A 12 -1.15 -19.44 -11.13
C PRO A 12 0.06 -20.24 -11.64
N PRO A 13 -0.17 -21.21 -12.53
CA PRO A 13 0.87 -22.12 -13.05
C PRO A 13 2.02 -21.38 -13.73
N GLU A 14 1.68 -20.30 -14.44
CA GLU A 14 2.68 -19.51 -15.14
C GLU A 14 3.57 -18.78 -14.15
N LEU A 15 3.02 -18.41 -13.00
CA LEU A 15 3.84 -17.82 -11.94
C LEU A 15 4.77 -18.80 -11.28
N LEU A 16 4.24 -19.98 -10.94
CA LEU A 16 5.05 -21.04 -10.36
C LEU A 16 6.19 -21.41 -11.25
N GLU A 17 5.88 -21.47 -12.53
CA GLU A 17 6.85 -21.81 -13.53
C GLU A 17 7.98 -20.81 -13.58
N ALA A 18 7.65 -19.53 -13.58
CA ALA A 18 8.65 -18.49 -13.67
C ALA A 18 9.53 -18.47 -12.43
N LEU A 19 8.94 -18.74 -11.27
CA LEU A 19 9.66 -18.77 -9.99
C LEU A 19 10.60 -19.96 -9.74
N LYS A 20 10.34 -21.08 -10.41
CA LYS A 20 11.09 -22.30 -10.17
C LYS A 20 12.61 -22.15 -10.21
N PRO A 21 13.18 -21.55 -11.28
CA PRO A 21 14.64 -21.37 -11.36
C PRO A 21 15.15 -20.44 -10.26
N LEU A 22 14.33 -19.46 -9.87
CA LEU A 22 14.74 -18.56 -8.79
C LEU A 22 14.75 -19.37 -7.51
N HIS A 23 13.76 -20.24 -7.35
CA HIS A 23 13.76 -21.19 -6.23
C HIS A 23 15.04 -22.02 -6.20
N ASP A 24 15.49 -22.55 -7.35
CA ASP A 24 16.70 -23.38 -7.38
C ASP A 24 17.92 -22.57 -6.92
N ILE A 25 18.03 -21.34 -7.41
CA ILE A 25 19.13 -20.45 -7.02
C ILE A 25 19.14 -20.17 -5.53
N CYS A 26 17.99 -19.79 -4.98
CA CYS A 26 17.87 -19.28 -3.61
C CYS A 26 17.94 -20.43 -2.60
N LEU A 27 17.45 -21.60 -2.98
CA LEU A 27 17.61 -22.77 -2.12
C LEU A 27 19.07 -23.19 -2.01
N GLY A 28 19.76 -23.15 -3.15
CA GLY A 28 21.17 -23.42 -3.19
C GLY A 28 22.01 -22.47 -2.36
N LYS A 29 21.67 -21.18 -2.39
CA LYS A 29 22.45 -20.20 -1.67
C LYS A 29 22.27 -20.26 -0.18
N THR A 30 21.07 -20.61 0.27
CA THR A 30 20.74 -20.43 1.67
C THR A 30 20.73 -21.73 2.47
N GLY A 31 20.56 -22.84 1.78
CA GLY A 31 20.61 -24.11 2.48
C GLY A 31 19.30 -24.42 3.21
N VAL A 32 18.24 -23.65 2.96
CA VAL A 32 16.90 -24.00 3.47
C VAL A 32 16.43 -25.34 2.89
N THR A 33 15.54 -26.07 3.58
CA THR A 33 14.98 -27.27 2.97
C THR A 33 13.66 -27.00 2.25
N GLU A 34 13.38 -27.86 1.28
CA GLU A 34 12.09 -27.93 0.59
C GLU A 34 10.93 -28.11 1.59
N GLU A 35 11.12 -28.96 2.58
CA GLU A 35 10.08 -29.23 3.56
C GLU A 35 9.72 -27.96 4.33
N ALA A 36 10.73 -27.18 4.71
CA ALA A 36 10.50 -25.97 5.49
C ALA A 36 9.66 -24.97 4.69
N ILE A 37 9.95 -24.89 3.39
CA ILE A 37 9.22 -24.00 2.50
C ILE A 37 7.74 -24.43 2.36
N LYS A 38 7.51 -25.71 2.08
CA LYS A 38 6.16 -26.24 1.92
C LYS A 38 5.32 -26.09 3.21
N LYS A 39 5.95 -26.39 4.34
CA LYS A 39 5.29 -26.29 5.63
C LYS A 39 4.89 -24.80 5.85
N PHE A 40 5.76 -23.85 5.56
CA PHE A 40 5.34 -22.46 5.73
C PHE A 40 4.22 -22.10 4.77
N SER A 41 4.31 -22.58 3.54
CA SER A 41 3.31 -22.30 2.55
C SER A 41 1.93 -22.82 2.96
N ASP A 42 1.88 -24.08 3.38
CA ASP A 42 0.60 -24.79 3.45
C ASP A 42 0.09 -25.08 4.85
N GLU A 43 0.99 -25.12 5.84
CA GLU A 43 0.57 -25.39 7.20
C GLU A 43 0.80 -24.16 8.06
N GLU A 44 1.69 -24.24 9.03
CA GLU A 44 1.73 -23.24 10.08
C GLU A 44 2.98 -22.38 9.93
N ILE A 45 2.84 -21.14 10.36
CA ILE A 45 3.98 -20.26 10.48
C ILE A 45 4.98 -20.85 11.46
N HIS A 46 6.24 -20.81 11.07
CA HIS A 46 7.38 -21.23 11.88
C HIS A 46 8.61 -20.40 11.58
N GLU A 47 9.52 -20.33 12.55
CA GLU A 47 10.74 -19.52 12.40
C GLU A 47 11.90 -20.41 12.12
N ASP A 48 12.33 -20.35 10.86
CA ASP A 48 13.57 -20.93 10.41
C ASP A 48 14.38 -19.80 9.80
N GLU A 49 15.58 -19.58 10.32
CA GLU A 49 16.39 -18.46 9.88
C GLU A 49 16.83 -18.57 8.42
N LYS A 50 17.07 -19.80 7.94
CA LYS A 50 17.43 -19.95 6.54
C LYS A 50 16.21 -19.73 5.62
N LEU A 51 15.03 -20.13 6.06
CA LEU A 51 13.81 -19.77 5.33
C LEU A 51 13.68 -18.22 5.19
N LYS A 52 13.97 -17.47 6.26
CA LYS A 52 13.85 -16.00 6.15
C LYS A 52 14.77 -15.46 5.05
N CYS A 53 16.00 -15.97 5.02
N CYS A 53 16.00 -15.94 4.99
CA CYS A 53 16.98 -15.57 4.01
CA CYS A 53 16.90 -15.46 3.95
C CYS A 53 16.61 -16.05 2.61
C CYS A 53 16.52 -16.01 2.59
N TYR A 54 16.00 -17.23 2.50
CA TYR A 54 15.41 -17.69 1.24
C TYR A 54 14.39 -16.69 0.72
N MET A 55 13.50 -16.24 1.60
CA MET A 55 12.47 -15.32 1.17
CA MET A 55 12.46 -15.27 1.21
C MET A 55 13.06 -13.98 0.71
N ASN A 56 14.06 -13.47 1.42
CA ASN A 56 14.77 -12.28 0.96
C ASN A 56 15.41 -12.50 -0.43
N CYS A 57 16.01 -13.65 -0.60
CA CYS A 57 16.71 -13.95 -1.84
C CYS A 57 15.72 -13.93 -3.02
N LEU A 58 14.54 -14.46 -2.77
CA LEU A 58 13.53 -14.51 -3.83
C LEU A 58 13.13 -13.12 -4.33
N PHE A 59 12.98 -12.15 -3.40
CA PHE A 59 12.61 -10.78 -3.77
C PHE A 59 13.71 -10.15 -4.61
N HIS A 60 14.96 -10.37 -4.21
CA HIS A 60 16.11 -9.87 -4.94
C HIS A 60 16.19 -10.52 -6.31
N GLU A 61 16.09 -11.83 -6.37
CA GLU A 61 16.22 -12.51 -7.65
C GLU A 61 15.09 -12.14 -8.60
N ALA A 62 13.92 -11.81 -8.04
CA ALA A 62 12.73 -11.41 -8.80
C ALA A 62 12.79 -9.94 -9.23
N LYS A 63 13.80 -9.23 -8.77
CA LYS A 63 13.96 -7.81 -9.08
C LYS A 63 12.75 -6.97 -8.61
N VAL A 64 12.27 -7.18 -7.40
CA VAL A 64 11.21 -6.36 -6.84
C VAL A 64 11.65 -5.64 -5.57
N VAL A 65 12.91 -5.27 -5.53
CA VAL A 65 13.42 -4.53 -4.39
C VAL A 65 13.92 -3.15 -4.81
N ASP A 66 13.99 -2.22 -3.86
CA ASP A 66 14.58 -0.91 -4.15
C ASP A 66 16.11 -0.98 -4.01
N ASP A 67 16.75 0.17 -4.13
CA ASP A 67 18.21 0.33 -4.17
C ASP A 67 18.89 -0.09 -2.87
N ASN A 68 18.12 -0.23 -1.80
CA ASN A 68 18.66 -0.64 -0.51
C ASN A 68 18.30 -2.10 -0.22
N GLY A 69 17.67 -2.76 -1.20
CA GLY A 69 17.29 -4.16 -1.12
C GLY A 69 15.94 -4.40 -0.44
N ASP A 70 15.26 -3.32 -0.07
CA ASP A 70 13.91 -3.44 0.48
C ASP A 70 12.83 -3.72 -0.55
N VAL A 71 11.80 -4.46 -0.14
CA VAL A 71 10.75 -4.82 -1.07
C VAL A 71 10.02 -3.55 -1.51
N HIS A 72 9.80 -3.46 -2.81
CA HIS A 72 9.10 -2.32 -3.38
C HIS A 72 7.72 -2.89 -3.77
N LEU A 73 6.70 -2.57 -2.97
CA LEU A 73 5.43 -3.29 -3.09
C LEU A 73 4.70 -3.04 -4.41
N GLU A 74 4.93 -1.88 -5.02
CA GLU A 74 4.30 -1.60 -6.30
C GLU A 74 4.94 -2.50 -7.37
N LYS A 75 6.27 -2.60 -7.36
CA LYS A 75 6.94 -3.49 -8.29
C LYS A 75 6.54 -4.94 -8.12
N LEU A 76 6.35 -5.37 -6.88
CA LEU A 76 5.88 -6.73 -6.62
C LEU A 76 4.48 -6.97 -7.19
N HIS A 77 3.56 -6.02 -6.94
CA HIS A 77 2.20 -6.14 -7.46
C HIS A 77 2.17 -6.21 -9.00
N ASP A 78 2.95 -5.37 -9.66
CA ASP A 78 3.03 -5.39 -11.12
C ASP A 78 3.64 -6.67 -11.69
N SER A 79 4.43 -7.37 -10.89
CA SER A 79 5.08 -8.59 -11.39
C SER A 79 4.15 -9.82 -11.31
N LEU A 80 2.97 -9.65 -10.74
CA LEU A 80 2.06 -10.75 -10.56
C LEU A 80 1.10 -10.81 -11.73
N PRO A 81 0.64 -12.02 -12.06
CA PRO A 81 -0.35 -12.07 -13.13
C PRO A 81 -1.62 -11.28 -12.77
N SER A 82 -2.25 -10.78 -13.81
CA SER A 82 -3.42 -9.96 -13.67
C SER A 82 -4.53 -10.64 -12.87
N SER A 83 -4.70 -11.94 -13.05
CA SER A 83 -5.72 -12.71 -12.33
C SER A 83 -5.69 -12.70 -10.80
N MET A 84 -4.54 -12.45 -10.22
CA MET A 84 -4.40 -12.39 -8.77
C MET A 84 -4.29 -10.93 -8.25
N HIS A 85 -4.45 -9.95 -9.13
CA HIS A 85 -4.22 -8.52 -8.81
CA HIS A 85 -4.15 -8.58 -8.81
C HIS A 85 -5.00 -8.05 -7.61
N ASP A 86 -6.30 -8.35 -7.59
CA ASP A 86 -7.17 -7.92 -6.50
C ASP A 86 -6.92 -8.69 -5.18
N ILE A 87 -6.83 -10.01 -5.24
CA ILE A 87 -6.51 -10.79 -4.03
C ILE A 87 -5.20 -10.32 -3.37
N ALA A 88 -4.16 -10.10 -4.18
CA ALA A 88 -2.86 -9.71 -3.62
C ALA A 88 -2.95 -8.33 -2.92
N MET A 89 -3.70 -7.42 -3.52
CA MET A 89 -3.92 -6.10 -2.96
C MET A 89 -4.59 -6.11 -1.60
N HIS A 90 -5.62 -6.92 -1.44
CA HIS A 90 -6.30 -7.00 -0.15
C HIS A 90 -5.37 -7.71 0.86
N MET A 91 -4.67 -8.73 0.38
CA MET A 91 -3.67 -9.45 1.16
CA MET A 91 -3.73 -9.45 1.23
C MET A 91 -2.63 -8.51 1.73
N GLY A 92 -2.19 -7.53 0.94
CA GLY A 92 -1.11 -6.66 1.38
C GLY A 92 -1.46 -5.28 1.95
N LYS A 93 -2.74 -4.92 1.98
CA LYS A 93 -3.18 -3.54 2.29
C LYS A 93 -2.91 -3.13 3.73
N ARG A 94 -2.78 -4.12 4.61
CA ARG A 94 -2.39 -3.87 5.99
C ARG A 94 -1.04 -4.48 6.37
N CYS A 95 -0.18 -4.58 5.36
CA CYS A 95 1.16 -5.10 5.51
C CYS A 95 2.13 -4.17 4.80
N LEU A 96 1.90 -2.86 4.87
CA LEU A 96 2.64 -1.90 4.03
C LEU A 96 4.03 -1.56 4.53
N TYR A 97 4.23 -1.69 5.84
CA TYR A 97 5.42 -1.11 6.46
C TYR A 97 6.19 -2.14 7.31
N PRO A 98 7.04 -2.94 6.67
CA PRO A 98 7.69 -4.05 7.38
C PRO A 98 8.59 -3.60 8.53
N GLU A 99 8.65 -4.42 9.58
CA GLU A 99 9.50 -4.16 10.73
C GLU A 99 10.59 -5.22 10.81
N GLY A 100 11.78 -4.82 11.23
CA GLY A 100 12.87 -5.78 11.40
C GLY A 100 14.21 -5.16 11.15
N GLU A 101 15.26 -5.74 11.73
CA GLU A 101 16.60 -5.20 11.62
C GLU A 101 17.22 -5.48 10.23
N THR A 102 17.16 -6.75 9.80
CA THR A 102 17.78 -7.14 8.54
C THR A 102 16.76 -7.29 7.42
N LEU A 103 17.28 -7.39 6.21
CA LEU A 103 16.45 -7.64 5.05
C LEU A 103 15.74 -9.00 5.18
N CYS A 104 16.43 -10.01 5.72
CA CYS A 104 15.76 -11.28 6.03
C CYS A 104 14.62 -11.10 7.04
N ASP A 105 14.82 -10.30 8.07
CA ASP A 105 13.77 -10.09 9.08
C ASP A 105 12.51 -9.46 8.45
N LYS A 106 12.73 -8.43 7.64
CA LYS A 106 11.62 -7.71 7.02
C LYS A 106 10.90 -8.60 6.00
N ALA A 107 11.66 -9.47 5.32
CA ALA A 107 11.05 -10.37 4.34
C ALA A 107 10.17 -11.37 5.07
N PHE A 108 10.67 -11.93 6.17
CA PHE A 108 9.83 -12.82 6.97
C PHE A 108 8.59 -12.11 7.51
N TRP A 109 8.77 -10.89 8.00
CA TRP A 109 7.65 -10.09 8.48
C TRP A 109 6.52 -9.96 7.47
N LEU A 110 6.88 -9.68 6.21
CA LEU A 110 5.90 -9.53 5.15
C LEU A 110 5.13 -10.83 4.91
N HIS A 111 5.86 -11.93 4.71
CA HIS A 111 5.27 -13.22 4.44
C HIS A 111 4.31 -13.67 5.54
N LYS A 112 4.74 -13.52 6.78
CA LYS A 112 3.89 -13.80 7.92
C LYS A 112 2.63 -12.95 7.87
N CYS A 113 2.77 -11.64 7.58
CA CYS A 113 1.63 -10.72 7.54
C CYS A 113 0.60 -11.05 6.43
N TRP A 114 1.11 -11.42 5.25
CA TRP A 114 0.29 -11.82 4.09
C TRP A 114 -0.45 -13.10 4.45
N LYS A 115 0.26 -14.06 5.04
CA LYS A 115 -0.35 -15.32 5.45
C LYS A 115 -1.45 -15.21 6.49
N GLN A 116 -1.25 -14.33 7.47
CA GLN A 116 -2.29 -14.05 8.45
C GLN A 116 -3.53 -13.38 7.81
N SER A 117 -3.32 -12.51 6.82
CA SER A 117 -4.42 -11.78 6.21
C SER A 117 -5.30 -12.67 5.33
N ASP A 118 -4.68 -13.60 4.60
CA ASP A 118 -5.42 -14.43 3.66
C ASP A 118 -4.68 -15.74 3.50
N PRO A 119 -4.83 -16.63 4.49
CA PRO A 119 -4.12 -17.91 4.41
C PRO A 119 -4.59 -18.89 3.35
N LYS A 120 -5.79 -18.69 2.81
CA LYS A 120 -6.26 -19.49 1.70
C LYS A 120 -5.40 -19.23 0.44
N HIS A 121 -5.16 -17.96 0.15
CA HIS A 121 -4.51 -17.56 -1.10
C HIS A 121 -3.00 -17.30 -0.96
N TYR A 122 -2.53 -17.12 0.26
CA TYR A 122 -1.10 -17.03 0.48
C TYR A 122 -0.39 -18.32 0.06
N PHE A 123 0.78 -18.20 -0.57
CA PHE A 123 1.62 -19.39 -0.83
C PHE A 123 3.10 -19.00 -0.92
N LEU A 124 3.96 -20.00 -0.81
CA LEU A 124 5.39 -19.82 -0.98
C LEU A 124 5.89 -21.05 -1.71
N VAL A 125 6.76 -20.79 -2.67
CA VAL A 125 7.42 -21.84 -3.43
C VAL A 125 8.93 -21.59 -3.52
N ASP B 1 -15.98 7.78 -15.88
CA ASP B 1 -15.21 8.72 -16.70
C ASP B 1 -14.38 9.62 -15.76
N THR B 2 -14.10 10.87 -16.16
CA THR B 2 -13.24 11.76 -15.38
C THR B 2 -13.98 12.91 -14.69
N THR B 3 -15.28 13.04 -14.92
CA THR B 3 -16.02 14.11 -14.30
C THR B 3 -16.07 13.87 -12.80
N PRO B 4 -15.70 14.88 -12.01
CA PRO B 4 -15.74 14.65 -10.57
C PRO B 4 -17.14 14.21 -10.16
N ARG B 5 -17.26 13.15 -9.36
CA ARG B 5 -18.56 12.75 -8.85
C ARG B 5 -18.87 13.55 -7.63
N ARG B 6 -19.94 14.33 -7.70
CA ARG B 6 -20.43 15.15 -6.60
C ARG B 6 -21.94 15.04 -6.53
N ASP B 7 -22.44 14.26 -5.57
CA ASP B 7 -23.89 14.11 -5.41
C ASP B 7 -24.20 13.85 -3.94
N ALA B 8 -25.43 13.53 -3.66
CA ALA B 8 -25.89 13.37 -2.29
C ALA B 8 -25.22 12.23 -1.56
N GLU B 9 -24.72 11.25 -2.32
CA GLU B 9 -24.04 10.09 -1.73
C GLU B 9 -22.52 10.16 -1.72
N TYR B 10 -21.95 10.93 -2.65
CA TYR B 10 -20.51 11.03 -2.76
C TYR B 10 -20.07 12.45 -3.10
N PRO B 11 -19.07 12.99 -2.37
CA PRO B 11 -18.36 12.40 -1.22
C PRO B 11 -19.30 12.09 -0.05
N PRO B 12 -18.97 11.06 0.75
CA PRO B 12 -19.87 10.71 1.86
C PRO B 12 -20.14 11.92 2.77
N PRO B 13 -21.43 12.27 2.95
CA PRO B 13 -21.80 13.45 3.74
C PRO B 13 -21.23 13.43 5.17
N GLU B 14 -21.16 12.25 5.78
CA GLU B 14 -20.68 12.14 7.15
C GLU B 14 -19.20 12.50 7.26
N LEU B 15 -18.45 12.23 6.21
CA LEU B 15 -17.03 12.58 6.15
C LEU B 15 -16.87 14.08 5.94
N LEU B 16 -17.64 14.63 5.01
CA LEU B 16 -17.65 16.07 4.83
C LEU B 16 -17.90 16.81 6.15
N GLU B 17 -18.87 16.33 6.94
CA GLU B 17 -19.21 16.98 8.18
C GLU B 17 -18.13 16.87 9.24
N ALA B 18 -17.56 15.67 9.34
CA ALA B 18 -16.48 15.41 10.27
C ALA B 18 -15.24 16.25 9.96
N LEU B 19 -15.03 16.49 8.67
CA LEU B 19 -13.85 17.21 8.24
C LEU B 19 -13.93 18.72 8.45
N LYS B 20 -15.15 19.26 8.56
CA LYS B 20 -15.34 20.71 8.61
C LYS B 20 -14.51 21.39 9.71
N PRO B 21 -14.52 20.87 10.94
CA PRO B 21 -13.67 21.54 11.94
C PRO B 21 -12.17 21.45 11.64
N LEU B 22 -11.69 20.37 11.05
CA LEU B 22 -10.27 20.30 10.66
C LEU B 22 -9.97 21.31 9.60
N HIS B 23 -10.90 21.49 8.68
CA HIS B 23 -10.79 22.52 7.67
C HIS B 23 -10.54 23.88 8.38
N ASP B 24 -11.39 24.22 9.36
CA ASP B 24 -11.26 25.50 10.08
C ASP B 24 -9.87 25.68 10.74
N ILE B 25 -9.42 24.65 11.44
CA ILE B 25 -8.10 24.65 12.08
C ILE B 25 -6.98 24.89 11.08
N CYS B 26 -6.97 24.13 9.97
CA CYS B 26 -5.82 24.07 9.08
C CYS B 26 -5.75 25.29 8.17
N LEU B 27 -6.90 25.83 7.81
CA LEU B 27 -6.96 27.04 7.05
C LEU B 27 -6.46 28.20 7.95
N GLY B 28 -6.83 28.16 9.22
CA GLY B 28 -6.36 29.11 10.21
C GLY B 28 -4.84 29.12 10.32
N LYS B 29 -4.29 27.91 10.42
CA LYS B 29 -2.86 27.68 10.62
C LYS B 29 -2.02 28.01 9.39
N THR B 30 -2.52 27.63 8.22
CA THR B 30 -1.74 27.68 6.98
C THR B 30 -1.93 28.92 6.12
N GLY B 31 -3.09 29.56 6.23
CA GLY B 31 -3.45 30.70 5.40
C GLY B 31 -3.83 30.49 3.93
N VAL B 32 -4.10 29.25 3.53
CA VAL B 32 -4.73 28.95 2.23
C VAL B 32 -6.11 29.60 2.06
N THR B 33 -6.53 29.88 0.82
CA THR B 33 -7.90 30.42 0.57
C THR B 33 -8.93 29.33 0.35
N GLU B 34 -10.20 29.62 0.64
CA GLU B 34 -11.22 28.63 0.28
C GLU B 34 -11.29 28.32 -1.21
N GLU B 35 -11.14 29.33 -2.06
CA GLU B 35 -11.21 29.10 -3.49
C GLU B 35 -10.12 28.13 -3.96
N ALA B 36 -8.90 28.24 -3.43
CA ALA B 36 -7.79 27.39 -3.91
C ALA B 36 -8.10 25.93 -3.58
N ILE B 37 -8.68 25.69 -2.42
CA ILE B 37 -9.10 24.33 -2.02
C ILE B 37 -10.14 23.81 -3.01
N LYS B 38 -11.15 24.62 -3.28
CA LYS B 38 -12.21 24.22 -4.19
C LYS B 38 -11.70 23.92 -5.61
N LYS B 39 -10.77 24.74 -6.11
CA LYS B 39 -10.23 24.52 -7.45
C LYS B 39 -9.42 23.21 -7.51
N PHE B 40 -8.65 22.90 -6.47
CA PHE B 40 -7.88 21.65 -6.51
C PHE B 40 -8.80 20.44 -6.51
N SER B 41 -9.88 20.53 -5.74
CA SER B 41 -10.87 19.45 -5.63
C SER B 41 -11.59 19.20 -6.96
N ASP B 42 -12.13 20.24 -7.61
CA ASP B 42 -13.14 20.00 -8.65
C ASP B 42 -12.58 20.31 -10.03
N GLU B 43 -11.50 21.08 -10.09
CA GLU B 43 -10.94 21.50 -11.37
C GLU B 43 -9.51 21.03 -11.58
N GLU B 44 -8.67 21.90 -12.14
CA GLU B 44 -7.34 21.48 -12.50
C GLU B 44 -6.35 21.45 -11.32
N ILE B 45 -5.41 20.53 -11.37
CA ILE B 45 -4.26 20.55 -10.45
C ILE B 45 -3.51 21.84 -10.58
N HIS B 46 -3.22 22.45 -9.45
CA HIS B 46 -2.46 23.68 -9.48
C HIS B 46 -1.52 23.70 -8.27
N GLU B 47 -0.48 24.51 -8.40
CA GLU B 47 0.57 24.64 -7.38
C GLU B 47 0.32 25.89 -6.55
N ASP B 48 0.21 25.68 -5.26
CA ASP B 48 -0.07 26.74 -4.31
C ASP B 48 0.55 26.26 -3.05
N GLU B 49 1.58 26.99 -2.62
CA GLU B 49 2.38 26.54 -1.51
C GLU B 49 1.59 26.46 -0.22
N LYS B 50 0.69 27.42 0.01
CA LYS B 50 -0.14 27.36 1.21
C LYS B 50 -1.13 26.21 1.15
N LEU B 51 -1.65 25.90 -0.02
CA LEU B 51 -2.53 24.72 -0.14
C LEU B 51 -1.77 23.43 0.26
N LYS B 52 -0.51 23.34 -0.15
CA LYS B 52 0.29 22.14 0.16
C LYS B 52 0.40 21.95 1.67
N CYS B 53 0.63 23.04 2.42
CA CYS B 53 0.75 22.91 3.87
C CYS B 53 -0.63 22.68 4.50
N TYR B 54 -1.67 23.21 3.87
CA TYR B 54 -3.04 22.86 4.28
C TYR B 54 -3.24 21.33 4.18
N MET B 55 -2.83 20.74 3.07
CA MET B 55 -2.93 19.28 2.92
C MET B 55 -2.18 18.55 4.04
N ASN B 56 -0.95 18.98 4.30
CA ASN B 56 -0.18 18.43 5.40
C ASN B 56 -0.89 18.60 6.75
N CYS B 57 -1.44 19.78 7.01
CA CYS B 57 -2.14 20.03 8.28
C CYS B 57 -3.34 19.05 8.49
N LEU B 58 -4.13 18.77 7.46
CA LEU B 58 -5.27 17.85 7.64
C LEU B 58 -4.80 16.47 8.05
N PHE B 59 -3.69 15.97 7.47
CA PHE B 59 -3.22 14.65 7.88
C PHE B 59 -2.87 14.67 9.37
N HIS B 60 -2.20 15.73 9.84
CA HIS B 60 -1.84 15.80 11.25
C HIS B 60 -3.08 15.90 12.14
N GLU B 61 -4.02 16.79 11.80
CA GLU B 61 -5.21 16.97 12.62
C GLU B 61 -6.14 15.77 12.63
N ALA B 62 -6.18 15.00 11.54
CA ALA B 62 -6.97 13.77 11.49
C ALA B 62 -6.28 12.60 12.18
N LYS B 63 -5.03 12.80 12.63
CA LYS B 63 -4.27 11.73 13.31
C LYS B 63 -4.06 10.48 12.47
N VAL B 64 -3.66 10.71 11.24
CA VAL B 64 -3.30 9.65 10.29
C VAL B 64 -1.82 9.78 9.86
N VAL B 65 -0.96 10.22 10.77
CA VAL B 65 0.47 10.42 10.48
C VAL B 65 1.29 9.56 11.41
N ASP B 66 2.54 9.26 11.06
CA ASP B 66 3.40 8.53 11.99
C ASP B 66 4.05 9.51 12.95
N ASP B 67 4.98 9.01 13.79
CA ASP B 67 5.66 9.83 14.79
C ASP B 67 6.47 10.98 14.25
N ASN B 68 6.84 10.90 12.98
CA ASN B 68 7.62 11.96 12.33
C ASN B 68 6.79 12.95 11.51
N GLY B 69 5.47 12.75 11.50
CA GLY B 69 4.56 13.57 10.71
C GLY B 69 4.29 13.13 9.26
N ASP B 70 4.88 12.01 8.84
CA ASP B 70 4.63 11.45 7.52
C ASP B 70 3.27 10.72 7.45
N VAL B 71 2.61 10.72 6.29
CA VAL B 71 1.31 10.07 6.23
C VAL B 71 1.44 8.55 6.43
N HIS B 72 0.58 8.00 7.26
CA HIS B 72 0.53 6.55 7.50
C HIS B 72 -0.70 6.01 6.74
N LEU B 73 -0.46 5.36 5.60
CA LEU B 73 -1.55 5.02 4.70
C LEU B 73 -2.59 4.05 5.28
N GLU B 74 -2.16 3.21 6.20
CA GLU B 74 -3.08 2.29 6.86
C GLU B 74 -4.02 3.02 7.82
N LYS B 75 -3.47 3.91 8.65
CA LYS B 75 -4.28 4.75 9.53
C LYS B 75 -5.29 5.54 8.74
N LEU B 76 -4.85 6.08 7.62
CA LEU B 76 -5.75 6.85 6.75
C LEU B 76 -6.91 6.02 6.16
N HIS B 77 -6.58 4.86 5.60
CA HIS B 77 -7.59 3.98 5.01
C HIS B 77 -8.63 3.58 6.08
N ASP B 78 -8.18 3.19 7.26
CA ASP B 78 -9.08 2.84 8.36
C ASP B 78 -10.04 3.98 8.74
N SER B 79 -9.61 5.23 8.61
CA SER B 79 -10.43 6.35 9.08
C SER B 79 -11.59 6.69 8.14
N LEU B 80 -11.55 6.17 6.92
CA LEU B 80 -12.59 6.45 5.94
C LEU B 80 -13.83 5.55 6.07
N PRO B 81 -15.01 6.06 5.67
CA PRO B 81 -16.27 5.30 5.60
C PRO B 81 -16.13 4.05 4.77
N SER B 82 -16.75 2.96 5.20
CA SER B 82 -16.70 1.72 4.46
C SER B 82 -17.11 1.86 3.01
N SER B 83 -18.05 2.77 2.74
CA SER B 83 -18.55 2.97 1.38
C SER B 83 -17.47 3.40 0.39
N MET B 84 -16.39 4.00 0.87
CA MET B 84 -15.35 4.40 -0.06
C MET B 84 -14.06 3.60 0.12
N HIS B 85 -14.12 2.50 0.87
CA HIS B 85 -12.91 1.73 1.15
CA HIS B 85 -12.93 1.70 1.14
C HIS B 85 -12.33 1.16 -0.14
N ASP B 86 -13.19 0.63 -0.99
CA ASP B 86 -12.74 0.04 -2.24
C ASP B 86 -12.17 1.10 -3.16
N ILE B 87 -12.91 2.18 -3.32
CA ILE B 87 -12.49 3.34 -4.11
C ILE B 87 -11.14 3.95 -3.71
N ALA B 88 -10.93 4.15 -2.41
CA ALA B 88 -9.67 4.67 -1.84
C ALA B 88 -8.49 3.76 -2.15
N MET B 89 -8.70 2.46 -2.03
CA MET B 89 -7.59 1.55 -2.21
C MET B 89 -7.09 1.43 -3.65
N HIS B 90 -7.99 1.55 -4.64
CA HIS B 90 -7.56 1.55 -6.03
C HIS B 90 -6.89 2.88 -6.37
N MET B 91 -7.41 3.95 -5.78
CA MET B 91 -6.85 5.29 -5.96
C MET B 91 -5.42 5.39 -5.41
N GLY B 92 -5.14 4.70 -4.30
CA GLY B 92 -3.85 4.78 -3.63
C GLY B 92 -2.84 3.66 -3.91
N LYS B 93 -3.24 2.65 -4.68
CA LYS B 93 -2.40 1.47 -4.84
C LYS B 93 -1.07 1.73 -5.59
N ARG B 94 -1.05 2.76 -6.42
CA ARG B 94 0.18 3.24 -7.08
C ARG B 94 0.72 4.58 -6.56
N CYS B 95 0.41 4.86 -5.31
CA CYS B 95 0.78 6.13 -4.64
C CYS B 95 1.36 5.79 -3.25
N LEU B 96 2.11 4.70 -3.13
CA LEU B 96 2.56 4.23 -1.80
C LEU B 96 3.73 5.00 -1.18
N TYR B 97 4.58 5.58 -2.04
CA TYR B 97 5.88 6.06 -1.59
C TYR B 97 6.13 7.52 -1.99
N PRO B 98 5.58 8.46 -1.22
CA PRO B 98 5.69 9.91 -1.50
C PRO B 98 7.13 10.43 -1.57
N GLU B 99 7.39 11.35 -2.48
CA GLU B 99 8.69 12.02 -2.63
C GLU B 99 8.53 13.51 -2.33
N GLY B 100 9.59 14.15 -1.87
CA GLY B 100 9.52 15.55 -1.48
C GLY B 100 10.37 15.90 -0.26
N GLU B 101 10.86 17.13 -0.21
CA GLU B 101 11.77 17.52 0.86
CA GLU B 101 11.76 17.62 0.84
C GLU B 101 11.06 17.80 2.18
N THR B 102 9.93 18.48 2.12
CA THR B 102 9.19 18.83 3.32
C THR B 102 7.93 17.98 3.45
N LEU B 103 7.33 18.00 4.64
CA LEU B 103 6.05 17.34 4.82
C LEU B 103 4.96 17.89 3.90
N CYS B 104 5.04 19.18 3.63
N CYS B 104 4.97 19.18 3.66
CA CYS B 104 4.09 19.84 2.72
CA CYS B 104 4.03 19.76 2.71
C CYS B 104 4.24 19.30 1.29
C CYS B 104 4.23 19.23 1.29
N ASP B 105 5.48 19.09 0.87
CA ASP B 105 5.78 18.58 -0.45
C ASP B 105 5.25 17.18 -0.63
N LYS B 106 5.46 16.35 0.37
CA LYS B 106 5.04 14.95 0.32
C LYS B 106 3.51 14.81 0.38
N ALA B 107 2.86 15.70 1.13
CA ALA B 107 1.41 15.65 1.25
C ALA B 107 0.83 16.03 -0.12
N PHE B 108 1.40 17.06 -0.75
CA PHE B 108 0.96 17.48 -2.08
C PHE B 108 1.24 16.37 -3.11
N TRP B 109 2.39 15.72 -3.00
CA TRP B 109 2.70 14.61 -3.89
C TRP B 109 1.56 13.57 -3.88
N LEU B 110 1.09 13.21 -2.68
CA LEU B 110 -0.03 12.27 -2.51
C LEU B 110 -1.35 12.74 -3.13
N HIS B 111 -1.75 13.95 -2.81
CA HIS B 111 -3.00 14.50 -3.33
C HIS B 111 -2.97 14.52 -4.85
N LYS B 112 -1.83 14.93 -5.38
CA LYS B 112 -1.64 14.94 -6.82
C LYS B 112 -1.70 13.51 -7.42
N CYS B 113 -1.05 12.56 -6.76
CA CYS B 113 -1.05 11.19 -7.27
C CYS B 113 -2.48 10.64 -7.24
N TRP B 114 -3.20 10.91 -6.16
CA TRP B 114 -4.56 10.43 -6.03
C TRP B 114 -5.46 11.04 -7.10
N LYS B 115 -5.35 12.35 -7.30
CA LYS B 115 -6.21 13.02 -8.27
C LYS B 115 -5.97 12.55 -9.72
N GLN B 116 -4.72 12.31 -10.06
CA GLN B 116 -4.32 11.78 -11.37
C GLN B 116 -4.83 10.35 -11.61
N SER B 117 -4.84 9.57 -10.54
CA SER B 117 -5.22 8.17 -10.62
C SER B 117 -6.75 8.02 -10.81
N ASP B 118 -7.50 8.83 -10.07
CA ASP B 118 -8.95 8.76 -10.05
C ASP B 118 -9.62 10.13 -9.85
N PRO B 119 -9.63 10.96 -10.89
CA PRO B 119 -10.19 12.32 -10.82
C PRO B 119 -11.68 12.32 -10.50
N LYS B 120 -12.39 11.23 -10.82
CA LYS B 120 -13.82 11.15 -10.54
C LYS B 120 -14.10 11.11 -9.05
N HIS B 121 -13.33 10.34 -8.30
CA HIS B 121 -13.61 10.18 -6.88
C HIS B 121 -12.69 11.02 -6.00
N TYR B 122 -11.61 11.58 -6.54
CA TYR B 122 -10.83 12.51 -5.74
C TYR B 122 -11.62 13.74 -5.38
N PHE B 123 -11.40 14.21 -4.16
CA PHE B 123 -11.94 15.49 -3.70
C PHE B 123 -11.02 16.01 -2.57
N LEU B 124 -11.22 17.29 -2.23
CA LEU B 124 -10.55 17.94 -1.09
C LEU B 124 -11.54 18.93 -0.52
N VAL B 125 -11.64 18.97 0.79
CA VAL B 125 -12.45 19.97 1.45
C VAL B 125 -11.80 20.73 2.63
C4 0VT C . 0.88 -5.71 -2.64
C5 0VT C . 0.99 -7.01 -1.89
C6 0VT C . 1.30 -8.14 -2.80
C7 0VT C . -0.13 -3.08 -3.60
C8 0VT C . 1.75 -7.87 -4.19
C1 0VT C . -0.85 -2.54 -1.19
C2 0VT C . -0.23 -3.48 -2.17
C3 0VT C . 0.24 -4.70 -1.73
O9 0VT C . 1.20 -9.31 -2.41
H42 0VT C . 0.32 -5.83 -3.43
H41 0VT C . 1.76 -5.41 -2.91
H51 0VT C . 0.16 -7.18 -1.42
H52 0VT C . 1.71 -6.92 -1.24
H73 0VT C . -0.59 -3.73 -4.16
H72 0VT C . -0.55 -2.19 -3.71
H71 0VT C . 0.80 -3.02 -3.86
H83 0VT C . 2.03 -8.70 -4.61
H82 0VT C . 2.48 -7.24 -4.18
H81 0VT C . 1.00 -7.49 -4.70
H11 0VT C . -1.37 -1.88 -1.66
H13 0VT C . -0.14 -2.10 -0.68
H12 0VT C . -1.43 -3.04 -0.58
H31 0VT C . 0.16 -4.93 -0.78
O1 PG4 D . 9.74 -13.89 -11.81
C1 PG4 D . 8.89 -12.99 -11.21
C2 PG4 D . 8.76 -13.33 -9.76
O2 PG4 D . 7.73 -12.62 -9.18
C3 PG4 D . 7.94 -11.79 -8.09
C4 PG4 D . 8.40 -12.52 -6.85
O3 PG4 D . 7.32 -13.22 -6.36
C5 PG4 D . 7.23 -13.79 -5.10
C6 PG4 D . 5.89 -14.46 -5.13
O4 PG4 D . 5.51 -15.01 -3.92
C7 PG4 D . 4.17 -15.10 -3.59
C8 PG4 D . 3.61 -13.73 -3.41
O5 PG4 D . 3.24 -13.57 -2.11
HO1 PG4 D . 10.47 -13.98 -11.31
H11 PG4 D . 8.00 -13.05 -11.62
H12 PG4 D . 9.23 -12.09 -11.31
H21 PG4 D . 9.60 -13.12 -9.31
H22 PG4 D . 8.58 -14.27 -9.68
H31 PG4 D . 7.12 -11.32 -7.88
H32 PG4 D . 8.62 -11.13 -8.32
H41 PG4 D . 8.70 -11.88 -6.19
H42 PG4 D . 9.12 -13.13 -7.07
H51 PG4 D . 7.94 -14.44 -4.96
H52 PG4 D . 7.25 -13.10 -4.41
H61 PG4 D . 5.21 -13.82 -5.40
H62 PG4 D . 5.91 -15.18 -5.80
H71 PG4 D . 4.09 -15.59 -2.75
H72 PG4 D . 3.68 -15.57 -4.28
H81 PG4 D . 4.30 -13.07 -3.64
H82 PG4 D . 2.85 -13.61 -4.00
HO5 PG4 D . 3.91 -13.78 -1.58
O1 PG4 E . -11.45 12.94 10.72
C1 PG4 E . -11.25 12.73 9.35
C2 PG4 E . -10.56 11.43 9.07
O2 PG4 E . -10.08 11.37 7.77
C3 PG4 E . -8.90 12.03 7.40
C4 PG4 E . -8.99 12.35 5.93
O3 PG4 E . -8.18 13.44 5.57
C5 PG4 E . -8.04 13.72 4.22
C6 PG4 E . -9.37 13.99 3.56
O4 PG4 E . -9.65 13.10 2.52
C7 PG4 E . -9.17 13.31 1.24
C8 PG4 E . -8.61 12.04 0.68
O5 PG4 E . -9.48 11.51 -0.24
HO1 PG4 E . -11.91 13.69 10.84
H11 PG4 E . -10.70 13.45 9.01
H12 PG4 E . -12.11 12.75 8.89
H21 PG4 E . -11.20 10.71 9.22
H22 PG4 E . -9.82 11.32 9.69
H31 PG4 E . -8.15 11.45 7.56
H32 PG4 E . -8.82 12.85 7.91
H41 PG4 E . -9.91 12.57 5.71
H42 PG4 E . -8.71 11.58 5.42
H51 PG4 E . -7.46 14.49 4.09
H52 PG4 E . -7.63 12.94 3.79
H61 PG4 E . -10.06 13.89 4.24
H62 PG4 E . -9.38 14.89 3.22
H71 PG4 E . -8.47 14.00 1.26
H72 PG4 E . -9.90 13.62 0.68
H81 PG4 E . -7.75 12.23 0.26
H82 PG4 E . -8.47 11.41 1.40
HO5 PG4 E . -10.16 11.12 0.17
C4 0VT F . -5.07 4.84 0.68
C5 0VT F . -6.22 5.54 1.34
C6 0VT F . -6.50 6.80 0.59
C7 0VT F . -3.15 2.92 -0.43
C8 0VT F . -7.30 7.91 1.18
C1 0VT F . -3.93 1.18 1.31
C2 0VT F . -4.02 2.55 0.72
C3 0VT F . -4.92 3.47 1.25
O9 0VT F . -6.06 6.91 -0.54
H42 0VT F . -4.25 5.35 0.83
H41 0VT F . -5.24 4.78 -0.28
H51 0VT F . -5.97 5.76 2.25
H52 0VT F . -7.00 4.97 1.33
H73 0VT F . -2.62 3.70 -0.20
H72 0VT F . -2.57 2.18 -0.64
H71 0VT F . -3.70 3.13 -1.21
H83 0VT F . -7.26 8.68 0.58
H82 0VT F . -6.94 8.15 2.05
H81 0VT F . -8.23 7.63 1.28
H11 0VT F . -3.09 0.77 1.03
H13 0VT F . -4.67 0.64 0.98
H12 0VT F . -3.96 1.24 2.27
H31 0VT F . -5.48 3.20 1.99
#